data_9BRE
#
_entry.id   9BRE
#
_cell.length_a   137.973
_cell.length_b   137.973
_cell.length_c   70.820
_cell.angle_alpha   90.000
_cell.angle_beta   90.000
_cell.angle_gamma   90.000
#
_symmetry.space_group_name_H-M   'P 41 21 2'
#
loop_
_entity.id
_entity.type
_entity.pdbx_description
1 polymer 'G protein-coupled receptor kinase 5'
2 non-polymer (3Z)-N-[(1R)-1-(4-fluorophenyl)ethyl]-3-[(4-{[(2S)-2-(furan-2-yl)-2-hydroxyacetyl]amino}-3,5-dimethyl-1H-pyrrol-2-yl)methylidene]-2-oxo-2,3-dihydro-1H-indole-5-carboxamide
3 water water
#
_entity_poly.entity_id   1
_entity_poly.type   'polypeptide(L)'
_entity_poly.pdbx_seq_one_letter_code
;MELENIVANTVLLKAREGGGGKRKGKSKKWKEILKFPHISQCEDLRRTIDRDYCSLCDKQPIGRLLFRQFCETRPGLECY
IQFLDSVAEYEVTPDEKLGEKGKEIMTKYLTPKSPVFIAQVGQDLVSQTEEKLLQKPCKELFSACAQSVHEYLRGEPFHE
YLDSMFFDRFLQWKWLERQPVTKNTFRQYRVLGKGGFGEVCACQVRATGKMYACKRLEKKRIKKRKGESMALNEKQILEK
VNSQFVVNLAYAYETKDALCLVLTIMNGGDLKFHIYNMGNPGFEEERALFYAAEILCGLEDLHRENTVYRNLKPENILLD
DYGHIRISDLGLAVKIPEGDLIRGRVGTVGYMAPEVLNNQRYGLSPDYWGLGCLIYEMIEGQSPFRGRKEKVKREEVDRR
VLETEEVYSHKFSEEAKSICKMLLTKDAKQRLGCQEEGAAEVKRHPFFRNMNFKRLEAGMLDPPFVPDPRAVYCKDVLDI
EQFSTVKGVNLDHTDDDFYSKFSTGSVSIPWQNEMIETECFKELNVFGPNGTLPPDLNRNHPPEPPKKGLLQRLFKRQHQ
NNSKSSPSSKTSFNHHINSNHVSSNSTGSSVDHHHHHH
;
_entity_poly.pdbx_strand_id   A
#
loop_
_chem_comp.id
_chem_comp.type
_chem_comp.name
_chem_comp.formula
W3F non-polymer (3Z)-N-[(1R)-1-(4-fluorophenyl)ethyl]-3-[(4-{[(2S)-2-(furan-2-yl)-2-hydroxyacetyl]amino}-3,5-dimethyl-1H-pyrrol-2-yl)methylidene]-2-oxo-2,3-dihydro-1H-indole-5-carboxamide 'C30 H27 F N4 O5'
#
# COMPACT_ATOMS: atom_id res chain seq x y z
N GLY A 25 -2.85 20.27 -13.26
CA GLY A 25 -3.69 20.73 -14.36
C GLY A 25 -5.15 20.41 -14.13
N LYS A 26 -5.75 21.11 -13.17
CA LYS A 26 -7.14 20.86 -12.81
C LYS A 26 -8.08 21.59 -13.75
N SER A 27 -9.20 20.94 -14.06
CA SER A 27 -10.16 21.50 -15.02
C SER A 27 -10.54 22.93 -14.62
N LYS A 28 -10.87 23.73 -15.63
CA LYS A 28 -11.26 25.12 -15.38
C LYS A 28 -12.32 25.22 -14.31
N LYS A 29 -13.22 24.26 -14.22
CA LYS A 29 -14.29 24.25 -13.23
C LYS A 29 -14.28 22.98 -12.43
N TRP A 30 -13.12 22.68 -11.83
CA TRP A 30 -13.03 21.55 -10.92
C TRP A 30 -13.77 21.81 -9.62
N LYS A 31 -13.97 23.08 -9.25
CA LYS A 31 -14.69 23.40 -8.04
C LYS A 31 -16.19 23.18 -8.19
N GLU A 32 -16.72 23.22 -9.41
CA GLU A 32 -18.10 22.87 -9.64
C GLU A 32 -18.29 21.36 -9.67
N ILE A 33 -17.30 20.61 -10.17
CA ILE A 33 -17.39 19.15 -10.20
C ILE A 33 -17.32 18.58 -8.78
N LEU A 34 -16.40 19.11 -7.97
CA LEU A 34 -16.24 18.70 -6.58
C LEU A 34 -16.96 19.63 -5.60
N LYS A 35 -17.87 20.45 -6.10
CA LYS A 35 -18.67 21.30 -5.23
C LYS A 35 -19.42 20.43 -4.22
N PHE A 36 -19.37 20.82 -2.95
CA PHE A 36 -20.02 20.03 -1.91
C PHE A 36 -21.53 20.00 -2.14
N PRO A 37 -22.18 18.87 -1.90
CA PRO A 37 -23.64 18.86 -1.83
C PRO A 37 -24.12 19.47 -0.53
N HIS A 38 -25.38 19.87 -0.52
CA HIS A 38 -25.98 20.37 0.72
C HIS A 38 -26.15 19.20 1.69
N ILE A 39 -25.92 19.46 2.97
CA ILE A 39 -25.91 18.42 3.99
C ILE A 39 -27.23 17.62 3.98
N SER A 40 -28.30 18.20 3.44
CA SER A 40 -29.57 17.48 3.38
C SER A 40 -29.53 16.32 2.38
N GLN A 41 -28.57 16.32 1.45
CA GLN A 41 -28.44 15.24 0.49
C GLN A 41 -27.79 13.99 1.07
N CYS A 42 -27.21 14.08 2.26
CA CYS A 42 -26.40 13.01 2.84
C CYS A 42 -27.12 12.23 3.92
N GLU A 43 -28.43 12.41 4.06
CA GLU A 43 -29.15 11.69 5.11
C GLU A 43 -29.04 10.18 4.94
N ASP A 44 -29.18 9.69 3.71
CA ASP A 44 -29.07 8.25 3.47
C ASP A 44 -27.67 7.75 3.83
N LEU A 45 -26.64 8.57 3.62
CA LEU A 45 -25.30 8.19 4.03
C LEU A 45 -25.18 8.13 5.55
N ARG A 46 -25.76 9.11 6.24
CA ARG A 46 -25.65 9.15 7.70
C ARG A 46 -26.14 7.85 8.33
N ARG A 47 -27.22 7.30 7.83
CA ARG A 47 -27.82 6.11 8.43
C ARG A 47 -27.38 4.81 7.77
N THR A 48 -26.31 4.83 6.97
CA THR A 48 -25.78 3.58 6.42
C THR A 48 -24.30 3.43 6.73
N ILE A 49 -23.60 4.54 6.88
CA ILE A 49 -22.17 4.49 7.18
C ILE A 49 -21.98 3.90 8.57
N ASP A 50 -21.28 2.77 8.66
CA ASP A 50 -20.92 2.21 9.94
C ASP A 50 -20.04 3.19 10.70
N ARG A 51 -20.33 3.37 11.98
CA ARG A 51 -19.65 4.37 12.80
C ARG A 51 -18.49 3.74 13.58
N ASP A 52 -17.56 3.15 12.83
CA ASP A 52 -16.35 2.57 13.41
C ASP A 52 -15.32 3.67 13.61
N TYR A 53 -14.82 3.80 14.83
CA TYR A 53 -13.85 4.85 15.14
C TYR A 53 -12.58 4.71 14.31
N CYS A 54 -12.04 3.49 14.23
CA CYS A 54 -10.81 3.29 13.49
C CYS A 54 -10.98 3.63 12.01
N SER A 55 -12.16 3.34 11.46
CA SER A 55 -12.41 3.60 10.05
C SER A 55 -12.61 5.10 9.80
N LEU A 56 -13.45 5.75 10.61
CA LEU A 56 -13.83 7.13 10.35
C LEU A 56 -12.78 8.14 10.80
N CYS A 57 -11.92 7.77 11.74
CA CYS A 57 -10.96 8.72 12.31
C CYS A 57 -9.52 8.32 12.09
N ASP A 58 -9.25 7.31 11.26
CA ASP A 58 -7.88 6.88 11.05
C ASP A 58 -7.64 6.29 9.66
N LYS A 59 -8.29 5.17 9.35
CA LYS A 59 -8.05 4.52 8.06
C LYS A 59 -8.40 5.44 6.90
N GLN A 60 -9.57 6.07 6.95
CA GLN A 60 -9.98 6.96 5.87
C GLN A 60 -9.28 8.30 6.00
N PRO A 61 -8.40 8.63 5.04
CA PRO A 61 -7.58 9.84 5.20
C PRO A 61 -8.36 11.11 5.48
N ILE A 62 -9.48 11.34 4.80
CA ILE A 62 -10.24 12.57 5.00
C ILE A 62 -11.00 12.54 6.32
N GLY A 63 -11.48 11.36 6.73
CA GLY A 63 -12.07 11.25 8.05
C GLY A 63 -11.07 11.53 9.15
N ARG A 64 -9.84 11.03 9.00
CA ARG A 64 -8.79 11.29 9.97
C ARG A 64 -8.55 12.79 10.12
N LEU A 65 -8.35 13.49 9.00
CA LEU A 65 -8.10 14.92 9.05
C LEU A 65 -9.27 15.66 9.70
N LEU A 66 -10.51 15.28 9.36
CA LEU A 66 -11.66 15.98 9.90
C LEU A 66 -11.79 15.75 11.41
N PHE A 67 -11.58 14.51 11.86
CA PHE A 67 -11.61 14.26 13.30
C PHE A 67 -10.49 15.02 14.01
N ARG A 68 -9.27 14.95 13.47
CA ARG A 68 -8.18 15.75 14.02
C ARG A 68 -8.55 17.24 14.03
N GLN A 69 -9.24 17.69 12.99
CA GLN A 69 -9.64 19.10 12.92
C GLN A 69 -10.69 19.42 13.97
N PHE A 70 -11.59 18.47 14.25
CA PHE A 70 -12.56 18.66 15.32
C PHE A 70 -11.86 18.82 16.67
N CYS A 71 -10.79 18.06 16.89
CA CYS A 71 -10.05 18.16 18.14
C CYS A 71 -9.29 19.47 18.26
N GLU A 72 -9.00 20.14 17.13
CA GLU A 72 -8.36 21.45 17.20
C GLU A 72 -9.27 22.47 17.90
N THR A 73 -10.59 22.30 17.77
CA THR A 73 -11.53 23.26 18.33
C THR A 73 -11.75 23.05 19.83
N ARG A 74 -11.49 21.84 20.33
CA ARG A 74 -11.64 21.61 21.76
C ARG A 74 -10.32 21.87 22.48
N PRO A 75 -10.32 22.51 23.65
CA PRO A 75 -9.04 22.73 24.34
C PRO A 75 -8.43 21.44 24.86
N GLY A 76 -9.25 20.58 25.48
CA GLY A 76 -8.73 19.38 26.09
C GLY A 76 -8.32 18.31 25.12
N LEU A 77 -8.93 18.28 23.93
CA LEU A 77 -8.58 17.28 22.94
C LEU A 77 -7.35 17.64 22.13
N GLU A 78 -7.02 18.93 22.03
CA GLU A 78 -5.86 19.35 21.23
C GLU A 78 -4.60 18.62 21.66
N CYS A 79 -4.38 18.52 22.98
CA CYS A 79 -3.14 17.93 23.48
C CYS A 79 -3.03 16.46 23.12
N TYR A 80 -4.15 15.77 22.93
CA TYR A 80 -4.10 14.34 22.65
C TYR A 80 -3.67 14.04 21.21
N ILE A 81 -3.95 14.96 20.28
CA ILE A 81 -3.50 14.77 18.91
C ILE A 81 -2.01 15.09 18.79
N GLN A 82 -1.55 16.13 19.48
CA GLN A 82 -0.14 16.48 19.43
C GLN A 82 0.72 15.36 19.99
N PHE A 83 0.23 14.67 21.02
CA PHE A 83 1.00 13.59 21.64
C PHE A 83 1.11 12.38 20.70
N LEU A 84 0.01 12.00 20.07
CA LEU A 84 0.07 10.91 19.11
C LEU A 84 1.04 11.22 17.98
N ASP A 85 1.02 12.46 17.48
CA ASP A 85 1.99 12.87 16.48
C ASP A 85 3.42 12.64 16.97
N SER A 86 3.72 13.11 18.19
CA SER A 86 5.08 13.00 18.70
C SER A 86 5.50 11.55 18.87
N VAL A 87 4.55 10.66 19.18
CA VAL A 87 4.89 9.25 19.28
C VAL A 87 5.19 8.67 17.91
N ALA A 88 4.48 9.14 16.88
CA ALA A 88 4.79 8.71 15.52
C ALA A 88 6.20 9.12 15.13
N GLU A 89 6.65 10.31 15.58
CA GLU A 89 8.02 10.73 15.29
C GLU A 89 9.02 9.89 16.07
N TYR A 90 8.66 9.49 17.28
CA TYR A 90 9.56 8.67 18.09
C TYR A 90 9.76 7.30 17.47
N GLU A 91 8.70 6.70 16.91
CA GLU A 91 8.80 5.37 16.35
C GLU A 91 9.81 5.31 15.21
N VAL A 92 9.98 6.41 14.46
CA VAL A 92 10.90 6.45 13.33
C VAL A 92 12.17 7.22 13.67
N THR A 93 12.38 7.56 14.92
CA THR A 93 13.60 8.25 15.32
C THR A 93 14.77 7.27 15.34
N PRO A 94 15.96 7.70 14.91
CA PRO A 94 17.13 6.82 15.01
C PRO A 94 17.36 6.32 16.42
N ASP A 95 18.11 5.22 16.53
CA ASP A 95 18.33 4.60 17.84
C ASP A 95 19.16 5.51 18.74
N GLU A 96 20.28 6.03 18.22
CA GLU A 96 21.15 6.86 19.04
C GLU A 96 20.48 8.15 19.49
N LYS A 97 19.39 8.56 18.83
CA LYS A 97 18.66 9.75 19.19
C LYS A 97 17.28 9.42 19.76
N LEU A 98 17.10 8.22 20.32
CA LEU A 98 15.80 7.75 20.76
C LEU A 98 15.50 8.17 22.19
N GLY A 99 16.40 7.85 23.14
CA GLY A 99 16.26 8.36 24.49
C GLY A 99 16.21 9.88 24.54
N GLU A 100 16.75 10.54 23.53
CA GLU A 100 16.64 12.00 23.42
C GLU A 100 15.19 12.42 23.20
N LYS A 101 14.57 11.92 22.12
CA LYS A 101 13.17 12.23 21.86
C LYS A 101 12.26 11.68 22.96
N GLY A 102 12.73 10.69 23.70
CA GLY A 102 11.94 10.11 24.77
C GLY A 102 11.56 11.12 25.83
N LYS A 103 12.55 11.75 26.47
CA LYS A 103 12.23 12.71 27.52
C LYS A 103 11.57 13.96 26.97
N GLU A 104 11.91 14.36 25.75
CA GLU A 104 11.24 15.50 25.13
C GLU A 104 9.72 15.30 25.12
N ILE A 105 9.28 14.07 24.83
CA ILE A 105 7.86 13.77 24.86
C ILE A 105 7.34 13.75 26.29
N MET A 106 8.17 13.29 27.23
CA MET A 106 7.77 13.20 28.62
C MET A 106 7.59 14.57 29.24
N THR A 107 8.66 15.38 29.22
CA THR A 107 8.61 16.67 29.88
C THR A 107 7.53 17.59 29.31
N LYS A 108 7.00 17.28 28.13
CA LYS A 108 5.95 18.09 27.53
C LYS A 108 4.55 17.52 27.72
N TYR A 109 4.40 16.20 27.72
CA TYR A 109 3.08 15.58 27.75
C TYR A 109 2.79 14.80 29.02
N LEU A 110 3.80 14.23 29.68
CA LEU A 110 3.59 13.35 30.82
C LEU A 110 4.06 13.98 32.14
N THR A 111 4.22 15.30 32.18
CA THR A 111 4.51 15.98 33.44
C THR A 111 3.23 16.55 34.03
N PRO A 112 2.95 16.32 35.31
CA PRO A 112 1.63 16.70 35.84
C PRO A 112 1.31 18.19 35.72
N LYS A 113 2.32 19.04 35.60
CA LYS A 113 2.13 20.48 35.57
C LYS A 113 2.15 21.06 34.15
N SER A 114 2.36 20.24 33.13
CA SER A 114 2.46 20.75 31.78
C SER A 114 1.12 21.31 31.32
N PRO A 115 1.14 22.36 30.49
CA PRO A 115 -0.12 22.83 29.88
C PRO A 115 -0.68 21.86 28.87
N VAL A 116 0.13 20.91 28.41
CA VAL A 116 -0.27 19.92 27.41
C VAL A 116 -0.20 18.54 28.04
N PHE A 117 -0.66 18.44 29.29
CA PHE A 117 -0.55 17.19 30.04
C PHE A 117 -1.66 16.23 29.66
N ILE A 118 -1.28 14.99 29.33
CA ILE A 118 -2.25 13.94 29.05
C ILE A 118 -2.77 13.41 30.37
N ALA A 119 -4.06 13.58 30.61
CA ALA A 119 -4.66 13.22 31.90
C ALA A 119 -5.30 11.83 31.91
N GLN A 120 -5.95 11.44 30.81
CA GLN A 120 -6.62 10.14 30.80
C GLN A 120 -5.65 8.98 30.91
N VAL A 121 -4.39 9.18 30.53
CA VAL A 121 -3.36 8.17 30.81
C VAL A 121 -3.06 8.24 32.31
N GLY A 122 -3.55 7.25 33.05
CA GLY A 122 -3.51 7.33 34.50
C GLY A 122 -2.12 7.48 35.05
N GLN A 123 -2.05 8.03 36.27
CA GLN A 123 -0.77 8.10 36.98
C GLN A 123 -0.13 6.73 37.12
N ASP A 124 -0.92 5.65 37.06
CA ASP A 124 -0.40 4.29 37.12
C ASP A 124 -0.07 3.74 35.74
N LEU A 125 0.04 4.58 34.72
CA LEU A 125 0.56 4.20 33.42
C LEU A 125 1.75 5.05 32.99
N VAL A 126 1.74 6.34 33.34
CA VAL A 126 2.91 7.17 33.11
C VAL A 126 4.09 6.66 33.93
N SER A 127 3.84 6.33 35.21
CA SER A 127 4.92 5.94 36.11
C SER A 127 5.77 4.83 35.53
N GLN A 128 5.16 3.87 34.83
CA GLN A 128 5.94 2.81 34.19
C GLN A 128 6.79 3.38 33.06
N THR A 129 6.23 4.30 32.27
CA THR A 129 6.99 4.88 31.16
C THR A 129 8.25 5.58 31.67
N GLU A 130 8.19 6.19 32.86
CA GLU A 130 9.39 6.80 33.43
C GLU A 130 10.47 5.75 33.66
N GLU A 131 10.09 4.59 34.20
CA GLU A 131 11.06 3.53 34.45
C GLU A 131 11.67 3.03 33.15
N LYS A 132 10.88 3.02 32.06
CA LYS A 132 11.41 2.55 30.78
C LYS A 132 12.46 3.49 30.23
N LEU A 133 12.34 4.80 30.51
CA LEU A 133 13.40 5.73 30.14
C LEU A 133 14.58 5.66 31.10
N LEU A 134 14.33 5.37 32.38
CA LEU A 134 15.43 5.12 33.30
C LEU A 134 16.32 3.99 32.83
N GLN A 135 15.80 3.09 31.99
CA GLN A 135 16.55 2.00 31.38
C GLN A 135 16.77 2.31 29.91
N LYS A 136 17.27 1.32 29.17
CA LYS A 136 17.53 1.50 27.74
C LYS A 136 16.25 1.93 27.03
N PRO A 137 16.38 2.65 25.91
CA PRO A 137 15.20 3.05 25.14
C PRO A 137 14.83 2.01 24.09
N CYS A 138 13.55 2.05 23.70
CA CYS A 138 13.02 1.19 22.66
C CYS A 138 11.98 1.95 21.86
N LYS A 139 11.90 1.64 20.57
CA LYS A 139 11.05 2.38 19.64
C LYS A 139 9.56 2.20 19.90
N GLU A 140 9.18 1.37 20.86
CA GLU A 140 7.79 1.11 21.20
C GLU A 140 7.53 1.46 22.67
N LEU A 141 8.25 2.46 23.18
CA LEU A 141 8.14 2.85 24.58
C LEU A 141 6.75 3.41 24.89
N PHE A 142 6.28 4.35 24.08
CA PHE A 142 5.01 5.01 24.32
C PHE A 142 3.84 4.27 23.67
N SER A 143 4.02 3.00 23.33
CA SER A 143 2.91 2.23 22.76
C SER A 143 1.77 2.11 23.76
N ALA A 144 2.10 1.80 25.02
CA ALA A 144 1.05 1.64 26.03
C ALA A 144 0.24 2.93 26.17
N CYS A 145 0.92 4.07 26.25
CA CYS A 145 0.23 5.34 26.44
C CYS A 145 -0.60 5.70 25.22
N ALA A 146 -0.09 5.42 24.02
CA ALA A 146 -0.82 5.77 22.81
C ALA A 146 -2.17 5.06 22.75
N GLN A 147 -2.22 3.79 23.19
CA GLN A 147 -3.49 3.07 23.17
C GLN A 147 -4.43 3.60 24.25
N SER A 148 -3.90 3.91 25.43
CA SER A 148 -4.71 4.58 26.44
C SER A 148 -5.33 5.85 25.87
N VAL A 149 -4.59 6.57 25.01
CA VAL A 149 -5.12 7.78 24.40
C VAL A 149 -6.23 7.45 23.41
N HIS A 150 -6.00 6.46 22.55
CA HIS A 150 -7.01 6.09 21.56
C HIS A 150 -8.27 5.58 22.25
N GLU A 151 -8.12 4.81 23.32
CA GLU A 151 -9.28 4.32 24.04
C GLU A 151 -10.13 5.47 24.58
N TYR A 152 -9.50 6.61 24.90
CA TYR A 152 -10.27 7.76 25.34
C TYR A 152 -10.99 8.42 24.17
N LEU A 153 -10.28 8.66 23.06
CA LEU A 153 -10.89 9.32 21.91
C LEU A 153 -12.04 8.49 21.34
N ARG A 154 -11.95 7.16 21.45
CA ARG A 154 -13.07 6.31 21.05
C ARG A 154 -14.35 6.69 21.78
N GLY A 155 -14.23 7.05 23.06
CA GLY A 155 -15.39 7.35 23.87
C GLY A 155 -16.07 8.67 23.56
N GLU A 156 -16.08 9.57 24.54
CA GLU A 156 -16.84 10.81 24.38
C GLU A 156 -16.39 11.66 23.21
N PRO A 157 -15.09 11.88 22.97
CA PRO A 157 -14.72 12.75 21.84
C PRO A 157 -15.24 12.26 20.50
N PHE A 158 -15.15 10.96 20.23
CA PHE A 158 -15.61 10.44 18.94
C PHE A 158 -17.10 10.66 18.76
N HIS A 159 -17.90 10.40 19.80
CA HIS A 159 -19.35 10.59 19.68
C HIS A 159 -19.70 12.08 19.59
N GLU A 160 -18.88 12.95 20.16
CA GLU A 160 -19.06 14.38 19.95
C GLU A 160 -18.79 14.74 18.50
N TYR A 161 -17.68 14.25 17.94
CA TYR A 161 -17.37 14.49 16.54
C TYR A 161 -18.52 14.04 15.64
N LEU A 162 -19.15 12.92 15.97
CA LEU A 162 -20.26 12.44 15.15
C LEU A 162 -21.41 13.43 15.10
N ASP A 163 -21.55 14.27 16.13
CA ASP A 163 -22.60 15.28 16.19
C ASP A 163 -22.07 16.68 15.86
N SER A 164 -20.88 16.77 15.27
CA SER A 164 -20.28 18.06 14.93
C SER A 164 -20.42 18.34 13.44
N MET A 165 -20.15 19.58 13.06
CA MET A 165 -20.15 19.95 11.66
C MET A 165 -19.05 19.26 10.86
N PHE A 166 -18.00 18.77 11.54
CA PHE A 166 -16.90 18.16 10.82
C PHE A 166 -17.26 16.77 10.32
N PHE A 167 -18.16 16.07 11.02
CA PHE A 167 -18.65 14.80 10.50
C PHE A 167 -19.67 15.03 9.38
N ASP A 168 -20.48 16.08 9.50
CA ASP A 168 -21.32 16.46 8.37
C ASP A 168 -20.47 16.75 7.14
N ARG A 169 -19.38 17.51 7.32
CA ARG A 169 -18.45 17.74 6.22
C ARG A 169 -17.88 16.42 5.69
N PHE A 170 -17.68 15.44 6.57
CA PHE A 170 -17.21 14.14 6.12
C PHE A 170 -18.25 13.45 5.24
N LEU A 171 -19.53 13.52 5.65
CA LEU A 171 -20.59 12.96 4.82
C LEU A 171 -20.63 13.62 3.45
N GLN A 172 -20.31 14.90 3.37
CA GLN A 172 -20.26 15.57 2.07
C GLN A 172 -19.15 14.98 1.20
N TRP A 173 -17.97 14.73 1.78
CA TRP A 173 -16.88 14.15 1.00
C TRP A 173 -17.22 12.73 0.56
N LYS A 174 -17.91 11.96 1.41
CA LYS A 174 -18.35 10.63 1.00
C LYS A 174 -19.32 10.74 -0.16
N TRP A 175 -20.26 11.69 -0.11
CA TRP A 175 -21.18 11.88 -1.21
C TRP A 175 -20.43 12.07 -2.53
N LEU A 176 -19.35 12.87 -2.50
CA LEU A 176 -18.55 13.05 -3.71
C LEU A 176 -17.84 11.76 -4.09
N GLU A 177 -17.26 11.07 -3.11
CA GLU A 177 -16.58 9.81 -3.38
C GLU A 177 -17.49 8.84 -4.11
N ARG A 178 -18.75 8.74 -3.67
CA ARG A 178 -19.70 7.79 -4.24
C ARG A 178 -20.11 8.14 -5.67
N GLN A 179 -19.92 9.38 -6.10
CA GLN A 179 -20.43 9.81 -7.41
C GLN A 179 -19.97 8.88 -8.52
N PRO A 180 -20.73 8.79 -9.62
CA PRO A 180 -20.38 7.85 -10.68
C PRO A 180 -19.09 8.23 -11.38
N VAL A 181 -18.34 7.21 -11.77
CA VAL A 181 -17.10 7.38 -12.52
C VAL A 181 -17.36 6.97 -13.96
N THR A 182 -17.12 7.88 -14.89
CA THR A 182 -17.36 7.67 -16.30
C THR A 182 -16.05 7.85 -17.07
N LYS A 183 -16.13 7.79 -18.40
CA LYS A 183 -14.96 8.07 -19.21
C LYS A 183 -14.63 9.57 -19.19
N ASN A 184 -15.64 10.43 -19.05
CA ASN A 184 -15.39 11.85 -18.86
C ASN A 184 -14.50 12.09 -17.65
N THR A 185 -14.62 11.26 -16.60
CA THR A 185 -13.87 11.54 -15.38
C THR A 185 -12.39 11.66 -15.67
N PHE A 186 -11.88 10.96 -16.68
CA PHE A 186 -10.45 10.86 -16.93
C PHE A 186 -10.07 11.54 -18.24
N ARG A 187 -8.81 11.38 -18.64
CA ARG A 187 -8.26 12.05 -19.82
C ARG A 187 -7.10 11.20 -20.32
N GLN A 188 -7.36 10.38 -21.34
CA GLN A 188 -6.36 9.45 -21.85
C GLN A 188 -5.23 10.21 -22.54
N TYR A 189 -3.98 9.84 -22.24
CA TYR A 189 -2.84 10.53 -22.81
C TYR A 189 -2.11 9.58 -23.75
N ARG A 190 -1.19 8.76 -23.26
CA ARG A 190 -0.33 7.96 -24.13
C ARG A 190 -0.32 6.51 -23.67
N VAL A 191 -0.22 5.60 -24.65
CA VAL A 191 -0.20 4.16 -24.39
C VAL A 191 1.19 3.77 -23.93
N LEU A 192 1.41 3.80 -22.62
CA LEU A 192 2.70 3.46 -22.02
C LEU A 192 2.55 2.10 -21.35
N GLY A 193 2.73 1.04 -22.14
CA GLY A 193 2.64 -0.31 -21.64
C GLY A 193 1.79 -1.22 -22.50
N LYS A 194 2.04 -2.53 -22.41
CA LYS A 194 1.32 -3.50 -23.21
C LYS A 194 1.43 -4.86 -22.52
N GLY A 195 0.35 -5.62 -22.57
CA GLY A 195 0.34 -6.94 -21.99
C GLY A 195 -0.77 -7.79 -22.55
N GLY A 196 -1.10 -8.84 -21.81
CA GLY A 196 -2.20 -9.71 -22.21
C GLY A 196 -3.55 -9.13 -21.86
N PHE A 197 -4.53 -9.43 -22.70
CA PHE A 197 -5.92 -9.01 -22.56
C PHE A 197 -6.10 -7.50 -22.76
N GLY A 198 -5.07 -6.77 -23.14
CA GLY A 198 -5.24 -5.35 -23.42
C GLY A 198 -3.91 -4.60 -23.36
N GLU A 199 -4.02 -3.33 -22.99
CA GLU A 199 -2.91 -2.38 -22.96
C GLU A 199 -2.96 -1.60 -21.64
N VAL A 200 -2.00 -0.69 -21.47
CA VAL A 200 -1.93 0.17 -20.29
C VAL A 200 -1.59 1.59 -20.76
N CYS A 201 -2.55 2.50 -20.64
CA CYS A 201 -2.35 3.90 -20.99
C CYS A 201 -2.09 4.70 -19.72
N ALA A 202 -1.76 5.98 -19.90
CA ALA A 202 -1.61 6.93 -18.81
C ALA A 202 -2.76 7.93 -18.89
N CYS A 203 -3.55 8.01 -17.83
CA CYS A 203 -4.72 8.88 -17.79
C CYS A 203 -4.54 9.93 -16.71
N GLN A 204 -5.51 10.84 -16.63
CA GLN A 204 -5.48 11.93 -15.67
C GLN A 204 -6.92 12.27 -15.29
N VAL A 205 -7.14 12.48 -14.00
CA VAL A 205 -8.45 12.95 -13.53
C VAL A 205 -8.56 14.44 -13.85
N ARG A 206 -9.60 14.80 -14.60
CA ARG A 206 -9.76 16.19 -15.02
C ARG A 206 -9.91 17.12 -13.82
N ALA A 207 -10.71 16.71 -12.84
CA ALA A 207 -11.01 17.59 -11.71
C ALA A 207 -9.79 17.82 -10.85
N THR A 208 -9.10 16.75 -10.45
CA THR A 208 -7.97 16.86 -9.54
C THR A 208 -6.63 16.99 -10.27
N GLY A 209 -6.54 16.52 -11.50
CA GLY A 209 -5.31 16.61 -12.25
C GLY A 209 -4.25 15.61 -11.84
N LYS A 210 -4.63 14.50 -11.22
CA LYS A 210 -3.68 13.48 -10.82
C LYS A 210 -3.51 12.45 -11.93
N MET A 211 -2.26 12.04 -12.16
CA MET A 211 -1.95 11.05 -13.17
C MET A 211 -2.11 9.65 -12.60
N TYR A 212 -2.57 8.73 -13.46
CA TYR A 212 -2.70 7.32 -13.12
C TYR A 212 -2.21 6.51 -14.32
N ALA A 213 -2.50 5.22 -14.30
CA ALA A 213 -2.18 4.33 -15.41
C ALA A 213 -3.37 3.39 -15.59
N CYS A 214 -4.08 3.52 -16.70
CA CYS A 214 -5.20 2.66 -16.97
C CYS A 214 -4.74 1.26 -17.33
N LYS A 215 -5.64 0.30 -17.13
CA LYS A 215 -5.45 -1.09 -17.55
C LYS A 215 -6.69 -1.41 -18.38
N ARG A 216 -6.63 -1.05 -19.67
CA ARG A 216 -7.77 -1.20 -20.57
C ARG A 216 -7.86 -2.64 -21.06
N LEU A 217 -8.87 -3.37 -20.59
CA LEU A 217 -9.09 -4.76 -20.96
C LEU A 217 -10.28 -4.83 -21.91
N GLU A 218 -10.02 -5.26 -23.15
CA GLU A 218 -11.08 -5.33 -24.15
C GLU A 218 -12.15 -6.34 -23.75
N LYS A 219 -13.40 -5.90 -23.76
CA LYS A 219 -14.50 -6.76 -23.33
C LYS A 219 -14.63 -7.97 -24.26
N LYS A 220 -14.60 -7.72 -25.57
CA LYS A 220 -14.78 -8.80 -26.53
C LYS A 220 -13.62 -9.80 -26.50
N ARG A 221 -12.48 -9.44 -25.93
CA ARG A 221 -11.39 -10.38 -25.78
C ARG A 221 -11.47 -11.16 -24.47
N ILE A 222 -12.25 -10.68 -23.51
CA ILE A 222 -12.42 -11.40 -22.25
C ILE A 222 -13.45 -12.51 -22.42
N LYS A 223 -14.61 -12.18 -23.02
CA LYS A 223 -15.65 -13.19 -23.19
C LYS A 223 -15.14 -14.35 -24.03
N LYS A 224 -14.34 -14.07 -25.06
CA LYS A 224 -13.79 -15.12 -25.89
C LYS A 224 -12.99 -16.12 -25.07
N ARG A 225 -11.91 -15.66 -24.44
CA ARG A 225 -11.10 -16.55 -23.60
C ARG A 225 -11.82 -16.96 -22.32
N LYS A 226 -13.00 -16.41 -22.05
CA LYS A 226 -13.78 -16.78 -20.87
C LYS A 226 -13.12 -16.36 -19.57
N GLY A 227 -12.14 -15.46 -19.64
CA GLY A 227 -11.38 -15.09 -18.45
C GLY A 227 -12.00 -13.96 -17.65
N GLU A 228 -13.28 -14.11 -17.32
CA GLU A 228 -13.96 -13.07 -16.55
C GLU A 228 -13.71 -13.21 -15.06
N SER A 229 -13.70 -14.44 -14.55
CA SER A 229 -13.44 -14.64 -13.13
C SER A 229 -12.00 -14.35 -12.74
N MET A 230 -11.09 -14.20 -13.70
CA MET A 230 -9.73 -13.79 -13.39
C MET A 230 -9.56 -12.28 -13.42
N ALA A 231 -10.40 -11.57 -14.21
CA ALA A 231 -10.35 -10.11 -14.21
C ALA A 231 -10.98 -9.55 -12.95
N LEU A 232 -12.10 -10.12 -12.51
CA LEU A 232 -12.70 -9.70 -11.25
C LEU A 232 -11.84 -10.12 -10.06
N ASN A 233 -11.12 -11.23 -10.18
CA ASN A 233 -10.25 -11.67 -9.09
C ASN A 233 -9.13 -10.65 -8.85
N GLU A 234 -8.58 -10.08 -9.92
CA GLU A 234 -7.52 -9.10 -9.77
C GLU A 234 -8.05 -7.77 -9.26
N LYS A 235 -9.16 -7.31 -9.83
CA LYS A 235 -9.76 -6.05 -9.39
C LYS A 235 -10.09 -6.11 -7.90
N GLN A 236 -10.69 -7.20 -7.46
CA GLN A 236 -11.07 -7.32 -6.05
C GLN A 236 -9.85 -7.37 -5.15
N ILE A 237 -8.74 -7.96 -5.63
CA ILE A 237 -7.52 -8.00 -4.83
C ILE A 237 -6.90 -6.62 -4.72
N LEU A 238 -6.95 -5.83 -5.80
CA LEU A 238 -6.26 -4.54 -5.81
C LEU A 238 -6.96 -3.54 -4.90
N GLU A 239 -8.29 -3.53 -4.88
CA GLU A 239 -8.99 -2.54 -4.07
C GLU A 239 -8.91 -2.86 -2.58
N LYS A 240 -8.74 -4.14 -2.24
CA LYS A 240 -8.69 -4.55 -0.84
C LYS A 240 -7.31 -4.32 -0.24
N VAL A 241 -6.25 -4.43 -1.03
CA VAL A 241 -4.91 -4.15 -0.57
C VAL A 241 -4.65 -2.66 -0.71
N ASN A 242 -3.95 -2.08 0.27
CA ASN A 242 -3.56 -0.68 0.23
C ASN A 242 -2.15 -0.61 0.83
N SER A 243 -1.15 -0.81 -0.01
CA SER A 243 0.23 -0.86 0.39
C SER A 243 1.04 0.22 -0.33
N GLN A 244 2.03 0.77 0.37
CA GLN A 244 2.98 1.66 -0.26
C GLN A 244 3.84 0.95 -1.30
N PHE A 245 3.81 -0.39 -1.32
CA PHE A 245 4.71 -1.19 -2.15
C PHE A 245 3.97 -2.15 -3.07
N VAL A 246 2.68 -1.91 -3.28
CA VAL A 246 1.90 -2.62 -4.29
C VAL A 246 1.07 -1.57 -5.02
N VAL A 247 0.94 -1.73 -6.34
CA VAL A 247 0.15 -0.81 -7.13
C VAL A 247 -1.27 -0.78 -6.57
N ASN A 248 -1.82 0.43 -6.42
CA ASN A 248 -3.13 0.62 -5.79
C ASN A 248 -4.19 0.92 -6.84
N LEU A 249 -5.37 0.33 -6.65
CA LEU A 249 -6.52 0.61 -7.50
C LEU A 249 -7.25 1.82 -6.94
N ALA A 250 -7.48 2.81 -7.81
CA ALA A 250 -8.21 4.02 -7.45
C ALA A 250 -9.59 4.09 -8.08
N TYR A 251 -9.75 3.60 -9.30
CA TYR A 251 -11.06 3.58 -9.95
C TYR A 251 -11.21 2.30 -10.76
N ALA A 252 -12.46 1.84 -10.87
CA ALA A 252 -12.81 0.73 -11.75
C ALA A 252 -14.13 1.09 -12.42
N TYR A 253 -14.13 1.16 -13.75
CA TYR A 253 -15.31 1.56 -14.49
C TYR A 253 -15.36 0.83 -15.81
N GLU A 254 -16.57 0.63 -16.32
CA GLU A 254 -16.76 0.01 -17.62
C GLU A 254 -16.87 1.08 -18.70
N THR A 255 -16.67 0.66 -19.94
CA THR A 255 -16.80 1.54 -21.08
C THR A 255 -17.15 0.71 -22.30
N LYS A 256 -17.49 1.40 -23.38
CA LYS A 256 -17.73 0.74 -24.65
C LYS A 256 -16.47 0.00 -25.11
N ASP A 257 -16.52 -1.33 -25.10
CA ASP A 257 -15.48 -2.21 -25.63
C ASP A 257 -14.29 -2.39 -24.70
N ALA A 258 -14.38 -2.03 -23.43
CA ALA A 258 -13.28 -2.24 -22.51
C ALA A 258 -13.73 -2.10 -21.08
N LEU A 259 -12.98 -2.73 -20.17
CA LEU A 259 -13.10 -2.55 -18.73
C LEU A 259 -11.76 -2.01 -18.23
N CYS A 260 -11.80 -0.94 -17.43
CA CYS A 260 -10.61 -0.20 -17.07
C CYS A 260 -10.31 -0.30 -15.58
N LEU A 261 -9.03 -0.39 -15.26
CA LEU A 261 -8.54 -0.30 -13.89
C LEU A 261 -7.56 0.86 -13.82
N VAL A 262 -7.89 1.87 -13.01
CA VAL A 262 -7.03 3.03 -12.84
C VAL A 262 -6.07 2.72 -11.69
N LEU A 263 -4.78 2.63 -12.01
CA LEU A 263 -3.77 2.13 -11.10
C LEU A 263 -2.69 3.18 -10.86
N THR A 264 -1.88 2.93 -9.83
CA THR A 264 -0.74 3.79 -9.53
C THR A 264 0.20 3.84 -10.73
N ILE A 265 0.63 5.04 -11.10
CA ILE A 265 1.54 5.23 -12.22
C ILE A 265 2.97 5.10 -11.72
N MET A 266 3.82 4.45 -12.51
CA MET A 266 5.21 4.18 -12.15
C MET A 266 6.10 4.52 -13.34
N ASN A 267 6.77 5.66 -13.26
CA ASN A 267 7.57 6.19 -14.36
C ASN A 267 9.06 5.88 -14.24
N GLY A 268 9.48 5.22 -13.17
CA GLY A 268 10.90 4.94 -12.97
C GLY A 268 11.44 3.74 -13.72
N GLY A 269 10.59 2.97 -14.39
CA GLY A 269 11.02 1.75 -15.06
C GLY A 269 10.97 0.54 -14.14
N ASP A 270 11.09 -0.63 -14.75
CA ASP A 270 11.02 -1.88 -14.01
C ASP A 270 12.41 -2.30 -13.53
N LEU A 271 12.42 -3.25 -12.61
CA LEU A 271 13.67 -3.68 -12.00
C LEU A 271 14.54 -4.48 -12.96
N LYS A 272 13.92 -5.19 -13.91
CA LYS A 272 14.71 -5.91 -14.90
C LYS A 272 15.61 -4.95 -15.67
N PHE A 273 15.07 -3.82 -16.10
CA PHE A 273 15.87 -2.84 -16.84
C PHE A 273 17.06 -2.38 -16.03
N HIS A 274 16.84 -2.06 -14.75
CA HIS A 274 17.91 -1.51 -13.94
C HIS A 274 18.93 -2.56 -13.55
N ILE A 275 18.54 -3.84 -13.50
CA ILE A 275 19.50 -4.89 -13.18
C ILE A 275 20.48 -5.09 -14.33
N TYR A 276 19.99 -5.09 -15.56
CA TYR A 276 20.79 -5.51 -16.71
C TYR A 276 21.23 -4.39 -17.62
N ASN A 277 20.47 -3.31 -17.74
CA ASN A 277 20.88 -2.20 -18.59
C ASN A 277 21.64 -1.14 -17.81
N MET A 278 21.24 -0.87 -16.57
CA MET A 278 21.90 0.09 -15.70
C MET A 278 22.81 -0.57 -14.68
N GLY A 279 22.76 -1.89 -14.54
CA GLY A 279 23.53 -2.61 -13.54
C GLY A 279 24.90 -3.04 -14.05
N ASN A 280 25.51 -3.98 -13.32
CA ASN A 280 26.88 -4.36 -13.61
C ASN A 280 27.07 -5.49 -14.62
N PRO A 281 26.09 -6.38 -14.87
CA PRO A 281 24.72 -6.46 -14.34
C PRO A 281 24.66 -6.73 -12.85
N GLY A 282 23.61 -6.28 -12.20
CA GLY A 282 23.43 -6.44 -10.77
C GLY A 282 23.66 -5.14 -10.02
N PHE A 283 23.36 -5.20 -8.73
CA PHE A 283 23.50 -4.08 -7.81
C PHE A 283 24.45 -4.47 -6.70
N GLU A 284 24.99 -3.45 -6.01
CA GLU A 284 25.63 -3.70 -4.74
C GLU A 284 24.62 -4.33 -3.78
N GLU A 285 25.16 -5.09 -2.81
CA GLU A 285 24.28 -5.74 -1.84
C GLU A 285 23.43 -4.72 -1.09
N GLU A 286 24.02 -3.60 -0.68
CA GLU A 286 23.26 -2.61 0.07
C GLU A 286 22.10 -2.07 -0.76
N ARG A 287 22.31 -1.89 -2.07
CA ARG A 287 21.24 -1.40 -2.92
C ARG A 287 20.16 -2.45 -3.11
N ALA A 288 20.56 -3.72 -3.31
CA ALA A 288 19.57 -4.79 -3.40
C ALA A 288 18.82 -4.96 -2.09
N LEU A 289 19.48 -4.66 -0.96
CA LEU A 289 18.81 -4.73 0.33
C LEU A 289 17.61 -3.79 0.38
N PHE A 290 17.73 -2.61 -0.21
CA PHE A 290 16.64 -1.63 -0.16
C PHE A 290 15.44 -2.15 -0.92
N TYR A 291 15.63 -2.59 -2.16
CA TYR A 291 14.52 -3.11 -2.95
C TYR A 291 13.92 -4.35 -2.32
N ALA A 292 14.77 -5.27 -1.83
CA ALA A 292 14.25 -6.46 -1.18
C ALA A 292 13.39 -6.10 0.03
N ALA A 293 13.84 -5.11 0.81
CA ALA A 293 13.08 -4.70 1.99
C ALA A 293 11.71 -4.18 1.59
N GLU A 294 11.63 -3.38 0.52
CA GLU A 294 10.34 -2.85 0.10
C GLU A 294 9.47 -3.94 -0.52
N ILE A 295 10.08 -4.87 -1.25
CA ILE A 295 9.31 -5.98 -1.81
C ILE A 295 8.79 -6.87 -0.69
N LEU A 296 9.62 -7.17 0.31
CA LEU A 296 9.18 -7.95 1.46
C LEU A 296 7.97 -7.30 2.12
N CYS A 297 8.00 -5.97 2.28
CA CYS A 297 6.85 -5.27 2.85
C CYS A 297 5.64 -5.36 1.92
N GLY A 298 5.86 -5.28 0.62
CA GLY A 298 4.76 -5.50 -0.31
C GLY A 298 4.08 -6.83 -0.09
N LEU A 299 4.88 -7.91 -0.09
CA LEU A 299 4.32 -9.25 0.09
C LEU A 299 3.62 -9.37 1.43
N GLU A 300 4.17 -8.72 2.47
CA GLU A 300 3.54 -8.79 3.78
C GLU A 300 2.15 -8.17 3.77
N ASP A 301 1.98 -7.04 3.07
CA ASP A 301 0.67 -6.42 2.96
C ASP A 301 -0.28 -7.32 2.18
N LEU A 302 0.22 -8.00 1.15
CA LEU A 302 -0.61 -8.95 0.42
C LEU A 302 -0.98 -10.14 1.29
N HIS A 303 0.01 -10.70 1.99
CA HIS A 303 -0.24 -11.86 2.84
C HIS A 303 -1.17 -11.53 4.01
N ARG A 304 -1.28 -10.26 4.39
CA ARG A 304 -2.25 -9.89 5.42
C ARG A 304 -3.67 -10.24 4.99
N GLU A 305 -3.92 -10.28 3.67
CA GLU A 305 -5.21 -10.70 3.14
C GLU A 305 -5.18 -12.15 2.65
N ASN A 306 -4.25 -12.95 3.17
CA ASN A 306 -4.06 -14.33 2.72
C ASN A 306 -4.16 -14.42 1.21
N THR A 307 -3.34 -13.60 0.54
CA THR A 307 -3.33 -13.50 -0.92
C THR A 307 -1.91 -13.77 -1.41
N VAL A 308 -1.76 -14.80 -2.22
CA VAL A 308 -0.47 -15.17 -2.79
C VAL A 308 -0.32 -14.49 -4.14
N TYR A 309 0.89 -14.01 -4.42
CA TYR A 309 1.17 -13.22 -5.63
C TYR A 309 1.55 -14.10 -6.81
N ARG A 310 2.52 -15.00 -6.61
CA ARG A 310 2.87 -16.07 -7.54
C ARG A 310 3.50 -15.58 -8.83
N ASN A 311 3.90 -14.33 -8.91
CA ASN A 311 4.40 -13.79 -10.18
C ASN A 311 5.60 -12.89 -9.96
N LEU A 312 6.42 -13.18 -8.97
CA LEU A 312 7.55 -12.33 -8.62
C LEU A 312 8.66 -12.55 -9.65
N LYS A 313 8.94 -11.51 -10.44
CA LYS A 313 10.09 -11.47 -11.33
C LYS A 313 10.47 -10.00 -11.52
N PRO A 314 11.71 -9.73 -11.95
CA PRO A 314 12.18 -8.32 -11.92
C PRO A 314 11.34 -7.37 -12.74
N GLU A 315 10.83 -7.81 -13.89
CA GLU A 315 10.05 -6.91 -14.74
C GLU A 315 8.70 -6.54 -14.13
N ASN A 316 8.28 -7.20 -13.05
CA ASN A 316 7.03 -6.87 -12.36
C ASN A 316 7.25 -5.97 -11.16
N ILE A 317 8.49 -5.59 -10.87
CA ILE A 317 8.82 -4.65 -9.81
C ILE A 317 9.10 -3.31 -10.48
N LEU A 318 8.19 -2.37 -10.34
CA LEU A 318 8.32 -1.08 -11.00
C LEU A 318 8.90 -0.04 -10.03
N LEU A 319 9.42 1.04 -10.60
CA LEU A 319 9.97 2.16 -9.85
C LEU A 319 9.12 3.40 -10.14
N ASP A 320 8.96 4.24 -9.12
CA ASP A 320 8.23 5.48 -9.25
C ASP A 320 9.21 6.63 -9.50
N ASP A 321 8.69 7.86 -9.44
CA ASP A 321 9.53 9.04 -9.71
C ASP A 321 10.57 9.26 -8.63
N TYR A 322 10.40 8.68 -7.44
CA TYR A 322 11.30 8.93 -6.32
C TYR A 322 12.34 7.84 -6.14
N GLY A 323 12.17 6.68 -6.78
CA GLY A 323 13.07 5.55 -6.63
C GLY A 323 12.52 4.42 -5.79
N HIS A 324 11.35 4.58 -5.20
CA HIS A 324 10.72 3.48 -4.48
C HIS A 324 10.04 2.53 -5.47
N ILE A 325 9.77 1.32 -5.01
CA ILE A 325 9.24 0.28 -5.88
C ILE A 325 7.87 -0.18 -5.38
N ARG A 326 7.06 -0.64 -6.32
CA ARG A 326 5.81 -1.33 -6.01
C ARG A 326 5.74 -2.61 -6.83
N ILE A 327 5.08 -3.61 -6.26
CA ILE A 327 4.77 -4.84 -6.99
C ILE A 327 3.61 -4.55 -7.94
N SER A 328 3.74 -5.04 -9.18
CA SER A 328 2.75 -4.78 -10.22
C SER A 328 2.32 -6.09 -10.86
N ASP A 329 1.30 -6.00 -11.71
CA ASP A 329 0.76 -7.17 -12.40
C ASP A 329 0.29 -8.23 -11.42
N LEU A 330 -0.88 -8.02 -10.82
CA LEU A 330 -1.49 -8.99 -9.94
C LEU A 330 -2.46 -9.91 -10.67
N GLY A 331 -2.29 -10.08 -11.97
CA GLY A 331 -3.18 -10.93 -12.74
C GLY A 331 -3.16 -12.39 -12.31
N LEU A 332 -2.08 -12.84 -11.67
CA LEU A 332 -1.98 -14.20 -11.18
C LEU A 332 -2.18 -14.32 -9.67
N ALA A 333 -2.47 -13.22 -8.98
CA ALA A 333 -2.73 -13.30 -7.55
C ALA A 333 -4.10 -13.92 -7.30
N VAL A 334 -4.21 -14.63 -6.18
CA VAL A 334 -5.48 -15.23 -5.76
C VAL A 334 -5.59 -15.12 -4.25
N LYS A 335 -6.83 -15.03 -3.77
CA LYS A 335 -7.12 -14.94 -2.34
C LYS A 335 -7.32 -16.35 -1.80
N ILE A 336 -6.39 -16.79 -0.96
CA ILE A 336 -6.43 -18.14 -0.42
C ILE A 336 -7.35 -18.17 0.79
N PRO A 337 -8.42 -18.97 0.80
CA PRO A 337 -9.24 -19.07 2.01
C PRO A 337 -8.41 -19.54 3.20
N GLU A 338 -8.66 -18.94 4.35
CA GLU A 338 -7.85 -19.20 5.54
C GLU A 338 -7.87 -20.69 5.87
N GLY A 339 -6.71 -21.20 6.27
CA GLY A 339 -6.59 -22.60 6.62
C GLY A 339 -6.70 -23.57 5.47
N ASP A 340 -6.66 -23.09 4.24
CA ASP A 340 -6.79 -23.93 3.06
C ASP A 340 -5.59 -23.70 2.14
N LEU A 341 -5.40 -24.63 1.21
CA LEU A 341 -4.35 -24.54 0.21
C LEU A 341 -4.96 -24.57 -1.18
N ILE A 342 -4.26 -23.98 -2.14
CA ILE A 342 -4.70 -23.91 -3.52
C ILE A 342 -3.80 -24.81 -4.36
N ARG A 343 -4.17 -24.94 -5.63
CA ARG A 343 -3.36 -25.70 -6.59
C ARG A 343 -3.38 -24.94 -7.92
N GLY A 344 -2.20 -24.72 -8.47
CA GLY A 344 -2.10 -24.04 -9.75
C GLY A 344 -0.68 -23.92 -10.27
N ARG A 345 -0.39 -24.60 -11.38
CA ARG A 345 0.92 -24.50 -12.01
C ARG A 345 0.89 -23.29 -12.95
N VAL A 346 1.23 -22.12 -12.39
CA VAL A 346 1.21 -20.86 -13.14
C VAL A 346 2.49 -20.09 -12.82
N GLY A 347 2.75 -19.09 -13.64
CA GLY A 347 3.91 -18.23 -13.45
C GLY A 347 4.80 -18.15 -14.67
N THR A 348 6.10 -17.93 -14.45
CA THR A 348 7.06 -17.76 -15.52
C THR A 348 8.19 -18.77 -15.34
N VAL A 349 8.64 -19.37 -16.44
CA VAL A 349 9.73 -20.33 -16.36
C VAL A 349 10.91 -19.68 -15.66
N GLY A 350 11.49 -20.41 -14.70
CA GLY A 350 12.60 -19.91 -13.93
C GLY A 350 12.22 -19.23 -12.64
N TYR A 351 10.96 -18.84 -12.48
CA TYR A 351 10.49 -18.15 -11.28
C TYR A 351 9.33 -18.88 -10.63
N MET A 352 9.19 -20.18 -10.87
CA MET A 352 8.18 -21.00 -10.22
C MET A 352 8.82 -21.84 -9.13
N ALA A 353 8.27 -21.78 -7.92
CA ALA A 353 8.77 -22.59 -6.81
C ALA A 353 8.56 -24.07 -7.11
N PRO A 354 9.38 -24.94 -6.52
CA PRO A 354 9.24 -26.39 -6.81
C PRO A 354 7.84 -26.92 -6.53
N GLU A 355 7.17 -26.47 -5.47
CA GLU A 355 5.83 -26.97 -5.18
C GLU A 355 4.84 -26.56 -6.26
N VAL A 356 5.09 -25.41 -6.92
CA VAL A 356 4.25 -25.01 -8.04
C VAL A 356 4.56 -25.84 -9.28
N LEU A 357 5.85 -26.06 -9.56
CA LEU A 357 6.22 -26.89 -10.70
C LEU A 357 5.62 -28.29 -10.59
N ASN A 358 5.73 -28.90 -9.40
CA ASN A 358 5.15 -30.22 -9.16
C ASN A 358 3.63 -30.19 -9.11
N ASN A 359 3.02 -29.01 -9.18
CA ASN A 359 1.57 -28.87 -9.17
C ASN A 359 0.98 -29.45 -7.88
N GLN A 360 1.49 -28.98 -6.75
CA GLN A 360 1.07 -29.43 -5.44
C GLN A 360 0.19 -28.37 -4.77
N ARG A 361 -0.46 -28.77 -3.69
CA ARG A 361 -1.24 -27.85 -2.87
C ARG A 361 -0.28 -27.00 -2.06
N TYR A 362 -0.23 -25.69 -2.33
CA TYR A 362 0.66 -24.76 -1.65
C TYR A 362 -0.14 -23.59 -1.09
N GLY A 363 0.57 -22.74 -0.34
CA GLY A 363 -0.03 -21.54 0.21
C GLY A 363 0.70 -20.30 -0.25
N LEU A 364 1.23 -19.53 0.70
CA LEU A 364 1.96 -18.32 0.38
C LEU A 364 3.43 -18.59 0.08
N SER A 365 3.87 -19.85 0.16
CA SER A 365 5.29 -20.14 0.03
C SER A 365 5.89 -19.74 -1.31
N PRO A 366 5.19 -19.79 -2.44
CA PRO A 366 5.84 -19.38 -3.70
C PRO A 366 6.36 -17.95 -3.67
N ASP A 367 5.72 -17.06 -2.91
CA ASP A 367 6.16 -15.67 -2.88
C ASP A 367 7.53 -15.52 -2.20
N TYR A 368 7.81 -16.32 -1.18
CA TYR A 368 9.12 -16.25 -0.55
C TYR A 368 10.19 -16.89 -1.42
N TRP A 369 9.85 -17.97 -2.15
CA TRP A 369 10.78 -18.47 -3.16
C TRP A 369 11.12 -17.37 -4.16
N GLY A 370 10.09 -16.67 -4.66
CA GLY A 370 10.34 -15.59 -5.59
C GLY A 370 11.24 -14.52 -5.02
N LEU A 371 11.02 -14.17 -3.74
CA LEU A 371 11.87 -13.17 -3.09
C LEU A 371 13.32 -13.63 -3.10
N GLY A 372 13.56 -14.91 -2.83
CA GLY A 372 14.91 -15.43 -2.94
C GLY A 372 15.47 -15.24 -4.34
N CYS A 373 14.71 -15.63 -5.35
CA CYS A 373 15.14 -15.44 -6.72
C CYS A 373 15.50 -13.97 -6.99
N LEU A 374 14.70 -13.05 -6.44
CA LEU A 374 14.91 -11.63 -6.72
C LEU A 374 16.19 -11.12 -6.06
N ILE A 375 16.39 -11.44 -4.78
CA ILE A 375 17.60 -10.99 -4.09
C ILE A 375 18.84 -11.55 -4.79
N TYR A 376 18.82 -12.85 -5.08
CA TYR A 376 19.96 -13.48 -5.76
C TYR A 376 20.24 -12.80 -7.09
N GLU A 377 19.20 -12.56 -7.89
CA GLU A 377 19.40 -12.01 -9.22
C GLU A 377 19.85 -10.55 -9.14
N MET A 378 19.29 -9.79 -8.19
CA MET A 378 19.74 -8.41 -8.01
C MET A 378 21.23 -8.36 -7.68
N ILE A 379 21.68 -9.22 -6.78
CA ILE A 379 23.06 -9.18 -6.32
C ILE A 379 24.01 -9.74 -7.38
N GLU A 380 23.68 -10.92 -7.91
CA GLU A 380 24.60 -11.64 -8.79
C GLU A 380 24.53 -11.19 -10.24
N GLY A 381 23.45 -10.55 -10.66
CA GLY A 381 23.32 -10.16 -12.05
C GLY A 381 22.85 -11.25 -12.98
N GLN A 382 22.31 -12.34 -12.45
CA GLN A 382 21.77 -13.43 -13.26
C GLN A 382 20.89 -14.31 -12.38
N SER A 383 20.08 -15.15 -13.04
CA SER A 383 19.19 -16.04 -12.33
C SER A 383 19.99 -17.14 -11.61
N PRO A 384 19.50 -17.61 -10.47
CA PRO A 384 20.25 -18.65 -9.73
C PRO A 384 20.26 -20.01 -10.42
N PHE A 385 19.35 -20.26 -11.37
CA PHE A 385 19.28 -21.56 -12.03
C PHE A 385 19.46 -21.45 -13.54
N ARG A 386 19.79 -20.27 -14.04
CA ARG A 386 20.07 -20.11 -15.48
C ARG A 386 21.09 -18.99 -15.62
N GLY A 387 22.29 -19.33 -16.10
CA GLY A 387 23.30 -18.31 -16.31
C GLY A 387 22.84 -17.29 -17.34
N ARG A 388 23.29 -16.05 -17.15
CA ARG A 388 22.96 -14.99 -18.09
C ARG A 388 23.44 -15.33 -19.49
N LYS A 389 24.64 -15.92 -19.58
CA LYS A 389 25.26 -16.30 -20.85
C LYS A 389 25.04 -17.78 -21.16
N GLU A 390 23.87 -18.32 -20.85
CA GLU A 390 23.60 -19.75 -20.97
C GLU A 390 22.37 -19.97 -21.83
N LYS A 391 22.45 -20.98 -22.70
CA LYS A 391 21.33 -21.41 -23.54
C LYS A 391 20.91 -22.81 -23.08
N VAL A 392 19.76 -22.90 -22.42
CA VAL A 392 19.29 -24.15 -21.86
C VAL A 392 17.79 -24.27 -22.11
N LYS A 393 17.32 -25.51 -22.25
CA LYS A 393 15.91 -25.75 -22.48
C LYS A 393 15.11 -25.52 -21.19
N ARG A 394 13.83 -25.17 -21.37
CA ARG A 394 12.93 -25.00 -20.22
C ARG A 394 13.06 -26.15 -19.24
N GLU A 395 13.16 -27.38 -19.75
CA GLU A 395 13.11 -28.55 -18.89
C GLU A 395 14.36 -28.68 -18.03
N GLU A 396 15.50 -28.23 -18.54
CA GLU A 396 16.72 -28.23 -17.73
C GLU A 396 16.67 -27.14 -16.67
N VAL A 397 16.09 -25.98 -17.00
CA VAL A 397 15.94 -24.92 -16.00
C VAL A 397 15.08 -25.40 -14.86
N ASP A 398 14.07 -26.24 -15.17
CA ASP A 398 13.19 -26.75 -14.12
C ASP A 398 13.88 -27.84 -13.30
N ARG A 399 14.64 -28.72 -13.95
CA ARG A 399 15.37 -29.73 -13.22
C ARG A 399 16.25 -29.10 -12.14
N ARG A 400 16.95 -28.02 -12.49
CA ARG A 400 17.80 -27.34 -11.52
C ARG A 400 16.96 -26.84 -10.34
N VAL A 401 15.83 -26.21 -10.63
CA VAL A 401 14.98 -25.65 -9.57
C VAL A 401 14.55 -26.74 -8.59
N LEU A 402 14.48 -27.99 -9.06
CA LEU A 402 13.97 -29.08 -8.21
C LEU A 402 15.07 -29.91 -7.55
N GLU A 403 16.28 -29.90 -8.09
CA GLU A 403 17.31 -30.84 -7.65
C GLU A 403 18.65 -30.16 -7.42
N THR A 404 18.92 -29.08 -8.13
CA THR A 404 20.23 -28.43 -8.08
C THR A 404 20.28 -27.38 -6.99
N GLU A 405 21.41 -27.34 -6.27
CA GLU A 405 21.66 -26.32 -5.26
C GLU A 405 22.43 -25.17 -5.90
N GLU A 406 21.90 -23.96 -5.74
CA GLU A 406 22.53 -22.78 -6.31
C GLU A 406 23.85 -22.48 -5.62
N VAL A 407 24.75 -21.82 -6.35
CA VAL A 407 26.06 -21.47 -5.83
C VAL A 407 26.14 -19.96 -5.70
N TYR A 408 26.97 -19.51 -4.78
CA TYR A 408 27.12 -18.09 -4.48
C TYR A 408 28.55 -17.64 -4.72
N SER A 409 28.71 -16.33 -4.85
CA SER A 409 29.99 -15.69 -5.12
C SER A 409 30.33 -14.72 -3.99
N HIS A 410 31.46 -14.04 -4.15
CA HIS A 410 31.90 -13.03 -3.17
C HIS A 410 31.06 -11.76 -3.24
N LYS A 411 30.13 -11.65 -4.19
CA LYS A 411 29.20 -10.53 -4.18
C LYS A 411 28.24 -10.61 -3.01
N PHE A 412 28.01 -11.81 -2.48
CA PHE A 412 27.11 -12.01 -1.36
C PHE A 412 27.89 -12.02 -0.05
N SER A 413 27.47 -11.17 0.89
CA SER A 413 27.90 -11.35 2.27
C SER A 413 27.38 -12.69 2.79
N GLU A 414 27.94 -13.13 3.91
CA GLU A 414 27.45 -14.37 4.51
C GLU A 414 25.97 -14.24 4.84
N GLU A 415 25.54 -13.07 5.32
CA GLU A 415 24.13 -12.85 5.61
C GLU A 415 23.28 -12.96 4.34
N ALA A 416 23.77 -12.40 3.22
CA ALA A 416 23.02 -12.49 1.98
C ALA A 416 22.95 -13.93 1.47
N LYS A 417 24.05 -14.68 1.60
CA LYS A 417 24.02 -16.10 1.26
C LYS A 417 22.96 -16.83 2.08
N SER A 418 22.90 -16.53 3.37
CA SER A 418 21.98 -17.24 4.27
C SER A 418 20.53 -17.03 3.86
N ILE A 419 20.12 -15.77 3.66
CA ILE A 419 18.71 -15.50 3.38
C ILE A 419 18.30 -16.14 2.06
N CYS A 420 19.19 -16.12 1.07
CA CYS A 420 18.82 -16.60 -0.26
C CYS A 420 18.59 -18.10 -0.26
N LYS A 421 19.48 -18.88 0.36
CA LYS A 421 19.26 -20.32 0.39
C LYS A 421 18.13 -20.68 1.34
N MET A 422 18.00 -19.95 2.46
CA MET A 422 16.84 -20.13 3.31
C MET A 422 15.55 -19.87 2.55
N LEU A 423 15.54 -18.84 1.70
CA LEU A 423 14.36 -18.56 0.89
C LEU A 423 14.24 -19.49 -0.30
N LEU A 424 15.37 -20.00 -0.82
CA LEU A 424 15.39 -20.95 -1.92
C LEU A 424 15.37 -22.40 -1.43
N THR A 425 14.91 -22.64 -0.21
CA THR A 425 14.77 -24.00 0.29
C THR A 425 13.74 -24.74 -0.56
N LYS A 426 14.12 -25.92 -1.06
CA LYS A 426 13.23 -26.67 -1.93
C LYS A 426 11.94 -27.02 -1.21
N ASP A 427 12.05 -27.61 -0.02
CA ASP A 427 10.87 -28.01 0.75
C ASP A 427 10.23 -26.77 1.36
N ALA A 428 9.03 -26.42 0.87
CA ALA A 428 8.35 -25.23 1.34
C ALA A 428 8.07 -25.24 2.84
N LYS A 429 8.23 -26.39 3.51
CA LYS A 429 8.00 -26.45 4.94
C LYS A 429 9.16 -25.88 5.75
N GLN A 430 10.39 -26.03 5.26
CA GLN A 430 11.56 -25.47 5.92
C GLN A 430 12.01 -24.15 5.30
N ARG A 431 11.16 -23.52 4.50
CA ARG A 431 11.51 -22.29 3.82
C ARG A 431 11.26 -21.08 4.71
N LEU A 432 12.15 -20.11 4.63
CA LEU A 432 12.02 -18.91 5.46
C LEU A 432 10.72 -18.19 5.15
N GLY A 433 10.05 -17.71 6.20
CA GLY A 433 8.81 -16.96 6.05
C GLY A 433 7.57 -17.79 5.85
N CYS A 434 7.72 -19.12 5.73
CA CYS A 434 6.58 -20.00 5.51
C CYS A 434 6.11 -20.67 6.79
N GLN A 435 6.39 -20.05 7.94
CA GLN A 435 5.94 -20.54 9.22
C GLN A 435 4.71 -19.75 9.66
N GLU A 436 4.18 -20.10 10.84
CA GLU A 436 3.04 -19.37 11.38
C GLU A 436 3.37 -17.91 11.68
N GLU A 437 4.65 -17.54 11.65
CA GLU A 437 5.06 -16.16 11.89
C GLU A 437 5.08 -15.32 10.61
N GLY A 438 5.46 -15.91 9.48
CA GLY A 438 5.29 -15.24 8.21
C GLY A 438 6.41 -14.26 7.93
N ALA A 439 6.04 -13.07 7.47
CA ALA A 439 7.03 -12.09 7.01
C ALA A 439 7.94 -11.62 8.13
N ALA A 440 7.44 -11.58 9.36
CA ALA A 440 8.28 -11.16 10.48
C ALA A 440 9.53 -12.00 10.59
N GLU A 441 9.43 -13.30 10.29
CA GLU A 441 10.61 -14.16 10.33
C GLU A 441 11.66 -13.70 9.33
N VAL A 442 11.24 -13.10 8.22
CA VAL A 442 12.20 -12.66 7.20
C VAL A 442 12.80 -11.30 7.58
N LYS A 443 11.99 -10.40 8.12
CA LYS A 443 12.49 -9.09 8.53
C LYS A 443 13.53 -9.21 9.64
N ARG A 444 13.50 -10.30 10.41
CA ARG A 444 14.47 -10.52 11.47
C ARG A 444 15.78 -11.09 10.97
N HIS A 445 15.81 -11.62 9.75
CA HIS A 445 17.00 -12.33 9.28
C HIS A 445 18.20 -11.38 9.24
N PRO A 446 19.40 -11.84 9.61
CA PRO A 446 20.54 -10.91 9.71
C PRO A 446 20.81 -10.13 8.45
N PHE A 447 20.27 -10.56 7.30
CA PHE A 447 20.47 -9.82 6.06
C PHE A 447 19.87 -8.43 6.14
N PHE A 448 18.81 -8.26 6.93
CA PHE A 448 18.20 -6.95 7.17
C PHE A 448 18.64 -6.34 8.49
N ARG A 449 19.77 -6.80 9.04
CA ARG A 449 20.22 -6.32 10.35
C ARG A 449 20.38 -4.81 10.38
N ASN A 450 20.82 -4.19 9.28
CA ASN A 450 20.99 -2.74 9.25
C ASN A 450 19.77 -2.02 8.69
N MET A 451 18.62 -2.68 8.62
CA MET A 451 17.42 -2.12 8.01
C MET A 451 16.39 -1.83 9.09
N ASN A 452 16.07 -0.54 9.27
CA ASN A 452 15.00 -0.12 10.15
C ASN A 452 13.71 -0.10 9.32
N PHE A 453 12.85 -1.09 9.53
CA PHE A 453 11.65 -1.20 8.71
C PHE A 453 10.65 -0.10 9.05
N LYS A 454 10.56 0.29 10.33
CA LYS A 454 9.65 1.38 10.70
C LYS A 454 9.91 2.61 9.83
N ARG A 455 11.19 2.99 9.67
CA ARG A 455 11.51 4.16 8.86
C ARG A 455 11.27 3.90 7.38
N LEU A 456 11.53 2.67 6.92
CA LEU A 456 11.27 2.34 5.53
C LEU A 456 9.79 2.47 5.20
N GLU A 457 8.92 1.87 6.02
CA GLU A 457 7.49 1.95 5.78
C GLU A 457 6.98 3.39 5.87
N ALA A 458 7.69 4.26 6.60
CA ALA A 458 7.34 5.67 6.71
C ALA A 458 7.99 6.50 5.61
N GLY A 459 8.70 5.87 4.68
CA GLY A 459 9.30 6.59 3.57
C GLY A 459 10.38 7.56 3.96
N MET A 460 11.17 7.25 4.99
CA MET A 460 12.23 8.13 5.45
C MET A 460 13.63 7.70 5.01
N LEU A 461 13.76 6.54 4.36
CA LEU A 461 15.06 6.06 3.89
C LEU A 461 15.21 6.43 2.41
N ASP A 462 16.22 7.24 2.10
CA ASP A 462 16.44 7.66 0.73
C ASP A 462 16.68 6.45 -0.17
N PRO A 463 15.93 6.29 -1.26
CA PRO A 463 16.23 5.23 -2.23
C PRO A 463 17.64 5.37 -2.77
N PRO A 464 18.21 4.28 -3.30
CA PRO A 464 19.59 4.36 -3.82
C PRO A 464 19.68 4.86 -5.25
N PHE A 465 18.57 4.94 -5.98
CA PHE A 465 18.58 5.44 -7.35
C PHE A 465 17.32 6.27 -7.58
N VAL A 466 17.49 7.47 -8.11
CA VAL A 466 16.38 8.39 -8.34
C VAL A 466 16.25 8.58 -9.86
N PRO A 467 15.19 8.06 -10.49
CA PRO A 467 14.98 8.33 -11.92
C PRO A 467 14.89 9.83 -12.20
N ASP A 468 15.12 10.18 -13.46
CA ASP A 468 14.96 11.57 -13.87
C ASP A 468 13.56 11.81 -14.43
N PRO A 469 12.93 12.94 -14.11
CA PRO A 469 11.56 13.18 -14.61
C PRO A 469 11.42 13.02 -16.11
N ARG A 470 12.42 13.44 -16.86
CA ARG A 470 12.39 13.41 -18.31
C ARG A 470 12.82 12.06 -18.89
N ALA A 471 13.16 11.10 -18.05
CA ALA A 471 13.75 9.86 -18.52
C ALA A 471 12.73 9.02 -19.28
N VAL A 472 13.25 8.14 -20.14
CA VAL A 472 12.44 7.20 -20.91
C VAL A 472 13.21 5.90 -21.08
N TYR A 473 12.75 4.85 -20.38
CA TYR A 473 13.42 3.56 -20.40
C TYR A 473 12.78 2.56 -21.35
N CYS A 474 11.46 2.65 -21.55
CA CYS A 474 10.76 1.78 -22.48
C CYS A 474 11.39 1.82 -23.85
N ASN A 490 -22.78 -11.02 -27.77
CA ASN A 490 -22.36 -9.66 -27.44
C ASN A 490 -23.43 -8.96 -26.60
N LEU A 491 -24.67 -9.00 -27.08
CA LEU A 491 -25.80 -8.42 -26.34
C LEU A 491 -26.41 -9.43 -25.39
N ASP A 492 -25.56 -10.09 -24.60
CA ASP A 492 -26.01 -11.07 -23.63
C ASP A 492 -26.23 -10.40 -22.28
N HIS A 493 -27.12 -11.00 -21.47
CA HIS A 493 -27.44 -10.45 -20.17
C HIS A 493 -26.48 -10.92 -19.08
N THR A 494 -25.91 -12.12 -19.22
CA THR A 494 -24.91 -12.59 -18.26
C THR A 494 -23.72 -11.65 -18.22
N ASP A 495 -23.34 -11.11 -19.38
CA ASP A 495 -22.23 -10.15 -19.42
C ASP A 495 -22.59 -8.88 -18.65
N ASP A 496 -23.88 -8.54 -18.58
CA ASP A 496 -24.28 -7.33 -17.87
C ASP A 496 -24.10 -7.49 -16.36
N ASP A 497 -24.35 -8.69 -15.84
CA ASP A 497 -24.20 -8.89 -14.40
C ASP A 497 -22.74 -8.92 -13.99
N PHE A 498 -21.86 -9.40 -14.88
CA PHE A 498 -20.43 -9.42 -14.57
C PHE A 498 -19.85 -8.02 -14.49
N TYR A 499 -20.38 -7.08 -15.27
CA TYR A 499 -19.88 -5.72 -15.24
C TYR A 499 -20.25 -5.02 -13.94
N SER A 500 -21.47 -5.27 -13.43
CA SER A 500 -21.92 -4.58 -12.23
C SER A 500 -21.05 -4.90 -11.03
N LYS A 501 -20.53 -6.13 -10.95
CA LYS A 501 -19.62 -6.48 -9.86
C LYS A 501 -18.21 -5.96 -10.09
N PHE A 502 -17.87 -5.56 -11.31
CA PHE A 502 -16.55 -5.05 -11.60
C PHE A 502 -16.51 -3.52 -11.52
N SER A 503 -17.46 -2.85 -12.16
CA SER A 503 -17.46 -1.39 -12.24
C SER A 503 -18.05 -0.81 -10.95
N THR A 504 -17.30 -1.00 -9.87
CA THR A 504 -17.71 -0.53 -8.56
C THR A 504 -17.38 0.95 -8.33
N GLY A 505 -16.72 1.61 -9.28
CA GLY A 505 -16.44 3.04 -9.13
C GLY A 505 -15.16 3.30 -8.33
N SER A 506 -15.16 4.45 -7.63
CA SER A 506 -13.93 4.87 -6.96
C SER A 506 -13.65 3.98 -5.75
N VAL A 507 -12.36 3.91 -5.38
CA VAL A 507 -11.91 3.18 -4.20
C VAL A 507 -11.68 4.19 -3.09
N SER A 508 -12.24 3.92 -1.92
CA SER A 508 -12.39 4.95 -0.90
C SER A 508 -11.05 5.56 -0.50
N ILE A 509 -10.16 4.75 0.07
CA ILE A 509 -8.92 5.29 0.60
C ILE A 509 -8.08 5.95 -0.50
N PRO A 510 -7.85 5.33 -1.66
CA PRO A 510 -7.08 6.02 -2.70
C PRO A 510 -7.75 7.29 -3.19
N TRP A 511 -9.08 7.30 -3.30
CA TRP A 511 -9.78 8.50 -3.73
C TRP A 511 -9.57 9.65 -2.75
N GLN A 512 -9.72 9.37 -1.44
CA GLN A 512 -9.51 10.41 -0.45
C GLN A 512 -8.07 10.90 -0.46
N ASN A 513 -7.11 9.99 -0.64
CA ASN A 513 -5.72 10.41 -0.76
C ASN A 513 -5.51 11.28 -1.99
N GLU A 514 -6.17 10.94 -3.11
CA GLU A 514 -6.06 11.79 -4.29
C GLU A 514 -6.52 13.22 -3.97
N MET A 515 -7.67 13.34 -3.31
CA MET A 515 -8.17 14.66 -2.95
C MET A 515 -7.15 15.43 -2.13
N ILE A 516 -6.47 14.75 -1.21
CA ILE A 516 -5.50 15.42 -0.34
C ILE A 516 -4.25 15.80 -1.14
N GLU A 517 -3.70 14.84 -1.90
CA GLU A 517 -2.45 15.11 -2.63
C GLU A 517 -2.58 16.33 -3.53
N THR A 518 -3.66 16.38 -4.32
CA THR A 518 -3.85 17.48 -5.27
C THR A 518 -4.30 18.77 -4.60
N GLU A 519 -4.47 18.77 -3.27
CA GLU A 519 -4.89 19.94 -2.51
C GLU A 519 -6.32 20.38 -2.82
N CYS A 520 -7.12 19.51 -3.44
CA CYS A 520 -8.55 19.80 -3.58
C CYS A 520 -9.21 19.85 -2.21
N PHE A 521 -8.78 18.99 -1.29
CA PHE A 521 -9.32 18.99 0.06
C PHE A 521 -8.95 20.29 0.80
N LYS A 522 -7.68 20.65 0.77
CA LYS A 522 -7.24 21.87 1.45
C LYS A 522 -8.01 23.07 0.96
N GLU A 523 -8.32 23.11 -0.33
CA GLU A 523 -8.95 24.29 -0.91
C GLU A 523 -10.47 24.29 -0.70
N LEU A 524 -11.11 23.13 -0.79
CA LEU A 524 -12.56 23.07 -0.66
C LEU A 524 -13.02 22.95 0.79
N ASN A 525 -12.20 22.41 1.68
CA ASN A 525 -12.59 22.17 3.06
C ASN A 525 -12.54 23.49 3.84
N VAL A 526 -13.52 24.34 3.56
CA VAL A 526 -13.65 25.65 4.19
C VAL A 526 -14.94 25.69 4.98
N PHE A 527 -14.94 26.48 6.05
CA PHE A 527 -16.12 26.64 6.89
C PHE A 527 -16.47 28.11 7.04
N GLY A 528 -17.43 28.42 7.91
CA GLY A 528 -17.80 29.79 8.17
C GLY A 528 -16.70 30.52 8.91
N PRO A 529 -16.58 31.82 8.70
CA PRO A 529 -15.54 32.59 9.40
C PRO A 529 -15.75 32.54 10.90
N ASN A 530 -14.64 32.38 11.63
CA ASN A 530 -14.65 32.31 13.09
C ASN A 530 -15.44 31.09 13.57
N GLY A 531 -15.07 29.91 13.05
CA GLY A 531 -15.64 28.67 13.53
C GLY A 531 -17.14 28.62 13.50
N THR A 532 -17.76 29.23 12.50
CA THR A 532 -19.20 29.20 12.34
C THR A 532 -19.58 28.23 11.22
N LEU A 533 -20.88 28.04 11.06
CA LEU A 533 -21.39 27.06 10.11
C LEU A 533 -21.46 27.66 8.72
N PRO A 534 -20.87 27.02 7.71
CA PRO A 534 -21.00 27.53 6.33
C PRO A 534 -22.39 27.25 5.78
N PRO A 535 -22.74 27.85 4.64
CA PRO A 535 -24.11 27.67 4.13
C PRO A 535 -24.41 26.25 3.68
N ASP A 536 -23.44 25.54 3.10
CA ASP A 536 -23.67 24.19 2.63
C ASP A 536 -23.87 23.18 3.75
N LEU A 537 -23.62 23.58 5.00
CA LEU A 537 -23.85 22.72 6.15
C LEU A 537 -25.02 23.22 7.00
N ASN A 538 -25.75 24.22 6.52
CA ASN A 538 -26.87 24.81 7.25
C ASN A 538 -28.18 24.26 6.71
N ARG A 539 -28.96 23.63 7.57
CA ARG A 539 -30.22 23.02 7.17
C ARG A 539 -31.39 24.01 7.14
N ASN A 540 -31.16 25.26 7.55
CA ASN A 540 -32.25 26.24 7.53
C ASN A 540 -32.52 26.75 6.13
N HIS A 541 -31.48 27.17 5.42
CA HIS A 541 -31.62 27.67 4.06
C HIS A 541 -30.75 26.85 3.12
N PRO A 542 -31.32 26.01 2.26
CA PRO A 542 -30.51 25.22 1.31
C PRO A 542 -30.27 25.94 -0.02
C01 W3F B . -1.01 -4.82 -19.58
C02 W3F B . -2.13 -5.64 -19.57
C03 W3F B . -2.23 -6.66 -18.65
C04 W3F B . -1.21 -6.88 -17.74
C05 W3F B . -0.09 -6.07 -17.76
C06 W3F B . 0.01 -5.04 -18.68
C07 W3F B . 1.05 -6.29 -16.75
C09 W3F B . 0.31 -4.55 -15.09
C10 W3F B . 0.51 -3.18 -14.44
C12 W3F B . 2.33 -6.72 -17.46
C13 W3F B . -0.06 -2.87 -13.20
C14 W3F B . 0.15 -1.61 -12.64
C15 W3F B . 0.92 -0.66 -13.35
C16 W3F B . 1.47 -0.98 -14.55
C17 W3F B . 1.26 -2.25 -15.12
C19 W3F B . 2.03 1.13 -14.03
C20 W3F B . 2.18 0.15 -15.01
C22 W3F B . 2.83 0.17 -16.15
C23 W3F B . 3.60 1.38 -16.70
C25 W3F B . 4.34 3.39 -17.00
C26 W3F B . 4.95 2.60 -17.95
C27 W3F B . 4.48 1.31 -17.76
C28 W3F B . 4.84 0.07 -18.56
C29 W3F B . 4.55 4.89 -16.82
C31 W3F B . 7.24 3.39 -18.52
C32 W3F B . 8.26 3.91 -19.52
C34 W3F B . 8.85 5.17 -18.89
C36 W3F B . 8.12 6.30 -18.49
C37 W3F B . 9.08 7.21 -17.95
C38 W3F B . 10.31 6.54 -18.09
F35 W3F B . -3.14 -5.43 -20.47
N08 W3F B . 1.24 -5.00 -16.11
N18 W3F B . 1.28 0.63 -13.04
N24 W3F B . 3.54 2.62 -16.28
N30 W3F B . 5.89 3.06 -18.94
O11 W3F B . -0.61 -5.22 -14.78
O21 W3F B . 2.49 2.23 -14.04
O33 W3F B . 7.55 3.25 -17.39
O39 W3F B . 10.10 5.38 -18.63
O40 W3F B . 7.63 4.23 -20.74
H011 W3F B . -0.93 -4.02 -20.31
H031 W3F B . -3.11 -7.30 -18.64
H041 W3F B . -1.29 -7.68 -17.01
H061 W3F B . 0.89 -4.40 -18.68
H071 W3F B . 0.80 -7.07 -16.05
H123 W3F B . 2.09 -7.46 -18.22
H122 W3F B . 3.01 -7.16 -16.73
H121 W3F B . 2.80 -5.86 -17.92
H131 W3F B . -0.65 -3.61 -12.66
H141 W3F B . -0.29 -1.36 -11.67
H171 W3F B . 1.69 -2.49 -16.09
H221 W3F B . 2.81 -0.73 -16.76
H283 W3F B . 3.93 -0.45 -18.87
H281 W3F B . 5.45 -0.59 -17.95
H282 W3F B . 5.41 0.35 -19.44
H291 W3F B . 4.07 5.22 -15.91
H292 W3F B . 5.62 5.10 -16.77
H293 W3F B . 4.12 5.42 -17.67
H1 W3F B . 9.02 3.17 -19.75
H361 W3F B . 7.05 6.44 -18.56
H371 W3F B . 8.91 8.20 -17.54
H381 W3F B . 11.26 6.94 -17.79
H081 W3F B . 2.02 -4.43 -16.35
H301 W3F B . 5.62 3.17 -19.90
H2 W3F B . 7.27 3.44 -21.11
#